data_5N9O
#
_entry.id   5N9O
#
_cell.length_a   84.595
_cell.length_b   67.931
_cell.length_c   47.266
_cell.angle_alpha   90.00
_cell.angle_beta   118.66
_cell.angle_gamma   90.00
#
_symmetry.space_group_name_H-M   'C 1 2 1'
#
loop_
_entity.id
_entity.type
_entity.pdbx_description
1 polymer 'Green fluorescent protein'
2 non-polymer 3,6,9,12,15-PENTAOXAHEPTADECAN-1-OL
3 water water
#
_entity_poly.entity_id   1
_entity_poly.type   'polypeptide(L)'
_entity_poly.pdbx_seq_one_letter_code
;MVSKGEELFTGVVPILVELDGDVNGHKFSVSGEGEGDATYGKLTLKFICTTGKLPVPWPTLVTTL(CRO)VQCFSRYPDH
MKQHDFFKSAMPEGYVQERTIFFKDDGNYKTRAEVKFEGDTLVNRIELKGIDFKEDGNILGHKLEYNYNSHNVYIMADKQ
KNGIKVNFKIRHNIEDGSVQLADHYQQNTPIGDGPVLLPDNHYLSTQSALSKDPNEKRDHMVLLEFVTAAGITHGMDELY
K
;
_entity_poly.pdbx_strand_id   A
#
loop_
_chem_comp.id
_chem_comp.type
_chem_comp.name
_chem_comp.formula
AE4 non-polymer 3,6,9,12,15-PENTAOXAHEPTADECAN-1-OL 'C12 H26 O6'
#
# COMPACT_ATOMS: atom_id res chain seq x y z
N MET A 1 -22.21 11.12 -1.56
CA MET A 1 -22.60 9.84 -2.24
C MET A 1 -21.73 8.66 -1.77
N VAL A 2 -22.20 7.43 -1.99
CA VAL A 2 -21.39 6.22 -1.81
C VAL A 2 -21.36 5.49 -3.16
N SER A 3 -20.15 5.21 -3.68
CA SER A 3 -20.04 4.54 -4.94
C SER A 3 -20.61 3.12 -4.85
N LYS A 4 -20.94 2.56 -6.03
CA LYS A 4 -21.37 1.17 -6.02
C LYS A 4 -20.23 0.23 -5.59
N GLY A 5 -19.01 0.62 -5.98
CA GLY A 5 -17.79 -0.15 -5.56
C GLY A 5 -17.59 -0.24 -4.06
N GLU A 6 -17.94 0.84 -3.40
CA GLU A 6 -17.85 0.79 -1.94
C GLU A 6 -18.76 -0.27 -1.26
N GLU A 7 -19.87 -0.67 -1.90
CA GLU A 7 -20.72 -1.69 -1.32
C GLU A 7 -20.02 -3.04 -1.19
N LEU A 8 -18.95 -3.21 -1.95
CA LEU A 8 -18.14 -4.43 -1.86
C LEU A 8 -17.29 -4.55 -0.61
N PHE A 9 -17.21 -3.46 0.14
CA PHE A 9 -16.30 -3.37 1.30
C PHE A 9 -16.98 -3.21 2.64
N THR A 10 -18.31 -3.29 2.65
CA THR A 10 -19.02 -3.10 3.97
C THR A 10 -18.84 -4.21 5.02
N GLY A 11 -18.34 -5.40 4.58
CA GLY A 11 -18.03 -6.48 5.47
C GLY A 11 -16.54 -6.87 5.41
N VAL A 12 -16.16 -8.05 5.92
CA VAL A 12 -14.75 -8.51 5.89
C VAL A 12 -14.44 -9.13 4.56
N VAL A 13 -13.38 -8.67 3.86
CA VAL A 13 -13.06 -9.12 2.54
C VAL A 13 -11.74 -9.88 2.58
N PRO A 14 -11.61 -11.09 2.01
CA PRO A 14 -10.33 -11.78 1.96
C PRO A 14 -9.38 -11.03 1.02
N ILE A 15 -8.07 -11.04 1.38
CA ILE A 15 -7.10 -10.37 0.50
C ILE A 15 -6.01 -11.41 0.11
N LEU A 16 -5.51 -11.30 -1.12
N LEU A 16 -5.50 -11.28 -1.11
CA LEU A 16 -4.34 -12.09 -1.57
CA LEU A 16 -4.32 -12.06 -1.52
C LEU A 16 -3.35 -11.02 -2.10
C LEU A 16 -3.32 -11.08 -2.20
N VAL A 17 -2.04 -11.20 -1.84
CA VAL A 17 -1.03 -10.26 -2.42
C VAL A 17 0.03 -11.15 -3.04
N GLU A 18 0.45 -10.83 -4.28
CA GLU A 18 1.61 -11.53 -4.88
C GLU A 18 2.55 -10.52 -5.45
N LEU A 19 3.82 -10.57 -5.03
CA LEU A 19 4.84 -9.66 -5.47
C LEU A 19 5.99 -10.48 -6.10
N ASP A 20 6.40 -10.05 -7.29
CA ASP A 20 7.57 -10.55 -7.93
C ASP A 20 8.57 -9.42 -7.95
N GLY A 21 9.75 -9.67 -7.32
CA GLY A 21 10.71 -8.60 -7.16
C GLY A 21 12.12 -8.92 -7.67
N ASP A 22 12.84 -7.83 -7.99
CA ASP A 22 14.25 -7.95 -8.37
C ASP A 22 14.92 -6.67 -7.86
N VAL A 23 15.83 -6.77 -6.88
CA VAL A 23 16.51 -5.57 -6.32
C VAL A 23 18.03 -5.79 -6.52
N ASN A 24 18.61 -4.93 -7.34
CA ASN A 24 20.05 -5.05 -7.67
C ASN A 24 20.35 -6.46 -8.18
N GLY A 25 19.36 -7.08 -8.79
CA GLY A 25 19.58 -8.41 -9.35
C GLY A 25 19.25 -9.56 -8.44
N HIS A 26 18.83 -9.29 -7.20
CA HIS A 26 18.50 -10.32 -6.24
C HIS A 26 17.00 -10.53 -6.42
N LYS A 27 16.63 -11.66 -6.99
CA LYS A 27 15.21 -11.95 -7.33
C LYS A 27 14.55 -12.59 -6.16
N PHE A 28 13.26 -12.28 -5.95
CA PHE A 28 12.54 -12.82 -4.80
C PHE A 28 11.04 -12.70 -5.10
N SER A 29 10.28 -13.46 -4.34
CA SER A 29 8.83 -13.52 -4.46
C SER A 29 8.26 -13.49 -3.07
N VAL A 30 7.15 -12.73 -2.93
CA VAL A 30 6.40 -12.64 -1.67
C VAL A 30 4.94 -12.94 -1.96
N SER A 31 4.31 -13.74 -1.06
CA SER A 31 2.87 -14.00 -1.16
C SER A 31 2.33 -13.63 0.18
N GLY A 32 1.17 -13.03 0.17
CA GLY A 32 0.52 -12.69 1.44
C GLY A 32 -0.96 -12.99 1.36
N GLU A 33 -1.56 -13.21 2.52
N GLU A 33 -1.52 -13.20 2.55
CA GLU A 33 -3.02 -13.35 2.56
CA GLU A 33 -2.96 -13.46 2.71
C GLU A 33 -3.50 -12.86 3.90
C GLU A 33 -3.51 -12.86 3.99
N GLY A 34 -4.78 -12.47 3.94
CA GLY A 34 -5.42 -12.06 5.20
C GLY A 34 -6.74 -11.46 4.83
N GLU A 35 -7.14 -10.43 5.57
CA GLU A 35 -8.45 -9.87 5.34
C GLU A 35 -8.50 -8.40 5.71
N GLY A 36 -9.37 -7.66 5.03
CA GLY A 36 -9.60 -6.29 5.37
C GLY A 36 -11.05 -6.00 5.73
N ASP A 37 -11.19 -5.00 6.58
CA ASP A 37 -12.50 -4.55 7.09
C ASP A 37 -12.51 -3.02 7.01
N ALA A 38 -12.92 -2.51 5.86
CA ALA A 38 -12.75 -1.08 5.51
C ALA A 38 -13.69 -0.23 6.39
N THR A 39 -14.74 -0.87 6.94
CA THR A 39 -15.56 -0.20 8.00
C THR A 39 -14.71 0.36 9.12
N TYR A 40 -13.63 -0.32 9.51
CA TYR A 40 -12.74 0.11 10.58
C TYR A 40 -11.34 0.49 10.06
N GLY A 41 -11.29 0.62 8.73
CA GLY A 41 -9.99 0.88 8.05
C GLY A 41 -8.90 -0.11 8.41
N LYS A 42 -9.25 -1.38 8.61
CA LYS A 42 -8.37 -2.34 9.18
C LYS A 42 -7.92 -3.40 8.20
N LEU A 43 -6.64 -3.72 8.22
CA LEU A 43 -6.09 -4.85 7.43
C LEU A 43 -5.32 -5.70 8.41
N THR A 44 -5.42 -7.01 8.20
N THR A 44 -5.46 -7.00 8.26
CA THR A 44 -4.59 -7.98 8.94
CA THR A 44 -4.51 -7.90 8.89
C THR A 44 -4.03 -9.04 8.01
C THR A 44 -4.02 -8.87 7.87
N LEU A 45 -2.71 -9.04 7.82
CA LEU A 45 -2.13 -9.87 6.79
C LEU A 45 -0.87 -10.55 7.27
N LYS A 46 -0.57 -11.69 6.65
CA LYS A 46 0.76 -12.36 6.83
C LYS A 46 1.39 -12.56 5.47
N PHE A 47 2.63 -12.15 5.34
CA PHE A 47 3.38 -12.31 4.14
C PHE A 47 4.54 -13.26 4.29
N ILE A 48 4.84 -14.01 3.24
CA ILE A 48 6.01 -14.96 3.30
C ILE A 48 6.87 -14.69 2.09
N CYS A 49 8.17 -14.74 2.29
CA CYS A 49 9.08 -14.77 1.17
C CYS A 49 9.18 -16.23 0.73
N THR A 50 8.67 -16.50 -0.45
CA THR A 50 8.57 -17.92 -0.86
C THR A 50 9.85 -18.37 -1.54
N THR A 51 10.83 -17.49 -1.74
CA THR A 51 12.06 -17.89 -2.44
C THR A 51 13.24 -18.10 -1.51
N GLY A 52 13.11 -17.77 -0.24
CA GLY A 52 14.19 -17.99 0.73
C GLY A 52 14.26 -16.77 1.64
N LYS A 53 15.45 -16.26 1.84
CA LYS A 53 15.62 -15.09 2.68
C LYS A 53 15.27 -13.85 1.87
N LEU A 54 14.42 -13.01 2.42
CA LEU A 54 14.15 -11.70 1.75
C LEU A 54 15.41 -10.85 1.65
N PRO A 55 15.72 -10.31 0.45
CA PRO A 55 17.04 -9.66 0.30
C PRO A 55 16.98 -8.19 0.65
N VAL A 56 15.80 -7.72 1.07
CA VAL A 56 15.63 -6.31 1.55
C VAL A 56 14.87 -6.42 2.88
N PRO A 57 14.87 -5.37 3.71
CA PRO A 57 14.19 -5.43 4.97
C PRO A 57 12.68 -5.45 4.70
N TRP A 58 11.96 -6.24 5.47
CA TRP A 58 10.46 -6.21 5.37
C TRP A 58 9.82 -4.82 5.43
N PRO A 59 10.28 -3.90 6.31
CA PRO A 59 9.58 -2.63 6.30
C PRO A 59 9.66 -1.91 5.00
N THR A 60 10.74 -2.14 4.21
CA THR A 60 10.78 -1.44 2.94
C THR A 60 9.71 -1.83 1.90
N LEU A 61 9.04 -2.98 2.15
CA LEU A 61 8.05 -3.53 1.23
C LEU A 61 6.62 -3.22 1.67
N VAL A 62 6.44 -2.67 2.90
CA VAL A 62 5.05 -2.46 3.41
C VAL A 62 4.22 -1.64 2.49
N THR A 63 4.74 -0.50 1.97
CA THR A 63 3.81 0.32 1.14
C THR A 63 3.46 -0.41 -0.22
N THR A 64 4.38 -1.22 -0.72
CA THR A 64 4.14 -1.90 -2.00
C THR A 64 3.12 -3.02 -1.84
N LEU A 65 3.30 -3.72 -0.71
CA LEU A 65 2.36 -4.83 -0.37
C LEU A 65 1.02 -4.32 0.08
N1 CRO A 66 0.92 -3.25 0.91
CA1 CRO A 66 -0.37 -2.73 1.33
CB1 CRO A 66 -0.61 -2.92 2.83
CG1 CRO A 66 -0.73 -4.44 3.01
OG1 CRO A 66 0.48 -2.39 3.61
C1 CRO A 66 -0.32 -1.28 0.95
N2 CRO A 66 0.04 -0.29 1.86
N3 CRO A 66 -0.57 -0.82 -0.29
C2 CRO A 66 -0.40 0.50 -0.23
O2 CRO A 66 -0.46 1.27 -1.27
CA2 CRO A 66 -0.01 0.86 1.09
CA3 CRO A 66 -0.88 -1.64 -1.46
C3 CRO A 66 -2.34 -1.74 -1.76
O3 CRO A 66 -2.56 -2.02 -2.96
CB2 CRO A 66 0.35 2.23 1.53
CG2 CRO A 66 0.85 2.68 2.85
CD1 CRO A 66 1.23 1.84 3.94
CD2 CRO A 66 1.10 4.01 2.88
CE1 CRO A 66 1.77 2.37 5.07
CE2 CRO A 66 1.64 4.53 4.02
CZ CRO A 66 1.95 3.73 5.11
OH CRO A 66 2.43 4.37 6.25
N VAL A 67 -3.16 -1.72 -0.73
CA VAL A 67 -4.58 -2.05 -0.93
C VAL A 67 -5.36 -0.92 -0.26
N GLN A 68 -5.21 0.30 -0.82
CA GLN A 68 -5.75 1.49 -0.19
C GLN A 68 -7.27 1.55 -0.33
N CYS A 69 -7.88 0.62 -1.08
CA CYS A 69 -9.30 0.48 -1.04
C CYS A 69 -9.84 0.03 0.33
N PHE A 70 -8.96 -0.36 1.31
CA PHE A 70 -9.46 -0.76 2.67
C PHE A 70 -9.36 0.40 3.67
N SER A 71 -9.09 1.60 3.15
CA SER A 71 -9.08 2.79 4.03
C SER A 71 -10.50 3.10 4.47
N ARG A 72 -10.66 3.65 5.68
CA ARG A 72 -12.00 4.11 6.11
C ARG A 72 -12.18 5.57 5.70
N TYR A 73 -13.16 5.84 4.83
CA TYR A 73 -13.54 7.16 4.58
C TYR A 73 -14.73 7.56 5.41
N PRO A 74 -14.59 8.68 6.13
CA PRO A 74 -15.79 9.07 6.85
C PRO A 74 -16.92 9.43 5.89
N ASP A 75 -18.14 9.42 6.43
CA ASP A 75 -19.33 9.75 5.66
C ASP A 75 -19.27 10.97 4.74
N HIS A 76 -18.82 12.15 5.24
CA HIS A 76 -18.85 13.37 4.42
C HIS A 76 -17.75 13.39 3.34
N MET A 77 -16.88 12.37 3.40
CA MET A 77 -15.80 12.19 2.47
C MET A 77 -15.95 10.97 1.60
N LYS A 78 -17.03 10.19 1.71
CA LYS A 78 -17.13 8.97 0.81
C LYS A 78 -17.18 9.28 -0.69
N GLN A 79 -17.59 10.51 -1.08
CA GLN A 79 -17.47 10.82 -2.49
C GLN A 79 -16.10 11.10 -3.00
N HIS A 80 -15.11 11.04 -2.11
CA HIS A 80 -13.71 11.20 -2.47
C HIS A 80 -12.95 9.92 -2.48
N ASP A 81 -13.64 8.80 -2.30
CA ASP A 81 -12.90 7.47 -2.31
C ASP A 81 -12.73 6.91 -3.74
N PHE A 82 -11.64 7.27 -4.40
CA PHE A 82 -11.29 6.79 -5.72
C PHE A 82 -11.20 5.26 -5.69
N PHE A 83 -10.50 4.72 -4.66
CA PHE A 83 -10.05 3.36 -4.69
C PHE A 83 -11.21 2.39 -4.70
N LYS A 84 -12.24 2.61 -3.86
CA LYS A 84 -13.38 1.67 -3.89
C LYS A 84 -14.23 1.89 -5.15
N SER A 85 -14.22 3.11 -5.64
CA SER A 85 -15.09 3.46 -6.77
C SER A 85 -14.64 2.75 -8.05
N ALA A 86 -13.38 2.36 -8.11
CA ALA A 86 -12.83 1.63 -9.26
C ALA A 86 -13.13 0.13 -9.20
N MET A 87 -13.69 -0.38 -8.10
CA MET A 87 -13.99 -1.78 -7.93
C MET A 87 -15.33 -2.17 -8.53
N PRO A 88 -15.48 -3.41 -9.03
CA PRO A 88 -14.57 -4.53 -8.85
C PRO A 88 -13.52 -4.63 -9.93
N GLU A 89 -13.63 -3.85 -11.00
CA GLU A 89 -12.63 -3.96 -12.10
C GLU A 89 -11.23 -3.60 -11.68
N GLY A 90 -11.17 -2.66 -10.76
CA GLY A 90 -9.88 -2.35 -10.07
C GLY A 90 -9.12 -1.17 -10.70
N TYR A 91 -7.88 -1.02 -10.20
CA TYR A 91 -6.99 -0.03 -10.66
C TYR A 91 -5.54 -0.47 -10.77
N VAL A 92 -4.77 0.29 -11.51
CA VAL A 92 -3.38 0.06 -11.65
C VAL A 92 -2.68 1.08 -10.71
N GLN A 93 -1.77 0.62 -9.88
CA GLN A 93 -1.08 1.48 -8.91
C GLN A 93 0.41 1.42 -9.26
N GLU A 94 0.96 2.57 -9.60
CA GLU A 94 2.38 2.65 -9.97
C GLU A 94 3.11 3.58 -9.03
N ARG A 95 4.35 3.21 -8.65
CA ARG A 95 5.13 4.13 -7.79
C ARG A 95 6.57 4.14 -8.26
N THR A 96 7.26 5.24 -7.94
CA THR A 96 8.73 5.18 -7.78
C THR A 96 8.96 5.61 -6.31
N ILE A 97 9.79 4.86 -5.62
CA ILE A 97 10.13 5.10 -4.24
C ILE A 97 11.64 5.37 -4.23
N PHE A 98 11.99 6.59 -3.79
CA PHE A 98 13.41 6.98 -3.73
C PHE A 98 13.89 6.89 -2.28
N PHE A 99 14.82 5.97 -2.02
CA PHE A 99 15.42 5.90 -0.66
C PHE A 99 16.56 6.89 -0.61
N LYS A 100 16.45 7.82 0.31
CA LYS A 100 17.45 8.91 0.39
C LYS A 100 18.83 8.32 0.52
N ASP A 101 19.76 8.86 -0.32
CA ASP A 101 21.19 8.43 -0.29
C ASP A 101 21.31 6.98 -0.66
N ASP A 102 20.32 6.43 -1.37
CA ASP A 102 20.38 4.99 -1.72
C ASP A 102 19.56 4.74 -2.99
N GLY A 103 19.14 3.50 -3.22
CA GLY A 103 18.49 3.10 -4.48
C GLY A 103 17.01 3.44 -4.52
N ASN A 104 16.37 2.96 -5.56
CA ASN A 104 14.95 3.20 -5.75
C ASN A 104 14.24 1.93 -6.15
N TYR A 105 12.95 1.82 -5.75
CA TYR A 105 12.02 0.82 -6.22
C TYR A 105 11.08 1.50 -7.23
N LYS A 106 10.78 0.74 -8.28
CA LYS A 106 9.69 1.16 -9.22
C LYS A 106 8.78 -0.02 -9.28
N THR A 107 7.49 0.28 -9.12
CA THR A 107 6.53 -0.80 -8.94
C THR A 107 5.32 -0.55 -9.81
N ARG A 108 4.73 -1.66 -10.28
CA ARG A 108 3.45 -1.54 -11.03
C ARG A 108 2.59 -2.68 -10.51
N ALA A 109 1.39 -2.34 -10.03
CA ALA A 109 0.55 -3.37 -9.45
C ALA A 109 -0.86 -3.22 -10.00
N GLU A 110 -1.62 -4.31 -10.01
CA GLU A 110 -3.04 -4.28 -10.31
C GLU A 110 -3.77 -4.73 -9.06
N VAL A 111 -4.75 -3.93 -8.66
CA VAL A 111 -5.54 -4.27 -7.45
C VAL A 111 -6.98 -4.45 -7.95
N LYS A 112 -7.56 -5.64 -7.73
CA LYS A 112 -8.92 -5.86 -8.30
C LYS A 112 -9.50 -7.06 -7.64
N PHE A 113 -10.82 -7.20 -7.75
CA PHE A 113 -11.42 -8.43 -7.26
C PHE A 113 -11.19 -9.62 -8.18
N GLU A 114 -10.81 -10.76 -7.61
CA GLU A 114 -10.78 -12.00 -8.43
C GLU A 114 -11.67 -12.92 -7.61
N GLY A 115 -12.90 -13.11 -8.14
CA GLY A 115 -13.95 -13.77 -7.32
C GLY A 115 -14.24 -12.92 -6.09
N ASP A 116 -14.31 -13.59 -4.93
N ASP A 116 -14.29 -13.59 -4.94
CA ASP A 116 -14.63 -12.96 -3.65
CA ASP A 116 -14.60 -12.96 -3.68
C ASP A 116 -13.40 -12.20 -3.06
C ASP A 116 -13.36 -12.43 -2.95
N THR A 117 -12.23 -12.40 -3.63
CA THR A 117 -10.95 -11.91 -2.98
C THR A 117 -10.40 -10.66 -3.64
N LEU A 118 -9.99 -9.72 -2.80
CA LEU A 118 -9.30 -8.52 -3.28
C LEU A 118 -7.86 -8.91 -3.46
N VAL A 119 -7.39 -8.80 -4.67
CA VAL A 119 -6.01 -9.35 -4.97
C VAL A 119 -5.11 -8.16 -5.45
N ASN A 120 -3.92 -8.03 -4.87
CA ASN A 120 -2.90 -7.08 -5.30
C ASN A 120 -1.72 -7.85 -5.87
N ARG A 121 -1.54 -7.72 -7.20
CA ARG A 121 -0.46 -8.39 -7.93
C ARG A 121 0.55 -7.36 -8.33
N ILE A 122 1.82 -7.53 -7.89
CA ILE A 122 2.79 -6.44 -8.07
C ILE A 122 4.06 -6.96 -8.77
N GLU A 123 4.65 -6.14 -9.61
CA GLU A 123 6.05 -6.35 -10.05
C GLU A 123 6.89 -5.14 -9.52
N LEU A 124 8.02 -5.46 -8.97
CA LEU A 124 8.92 -4.48 -8.36
C LEU A 124 10.31 -4.67 -8.93
N LYS A 125 10.90 -3.53 -9.31
CA LYS A 125 12.34 -3.54 -9.69
C LYS A 125 13.08 -2.47 -8.87
N GLY A 126 14.17 -2.89 -8.24
CA GLY A 126 14.99 -2.03 -7.37
C GLY A 126 16.40 -1.92 -7.98
N ILE A 127 16.93 -0.70 -8.02
CA ILE A 127 18.29 -0.55 -8.62
C ILE A 127 18.99 0.55 -7.86
N ASP A 128 20.30 0.59 -8.05
CA ASP A 128 21.15 1.71 -7.47
C ASP A 128 21.32 1.60 -5.97
N PHE A 129 21.08 0.40 -5.38
CA PHE A 129 21.27 0.26 -3.96
C PHE A 129 22.73 0.02 -3.60
N LYS A 130 23.12 0.51 -2.45
CA LYS A 130 24.44 0.27 -1.85
C LYS A 130 24.39 -1.06 -1.17
N GLU A 131 25.31 -1.95 -1.56
CA GLU A 131 25.42 -3.25 -0.89
C GLU A 131 25.61 -3.17 0.61
N ASP A 132 26.14 -2.06 1.13
CA ASP A 132 26.25 -1.92 2.58
C ASP A 132 25.46 -0.74 3.09
N GLY A 133 24.40 -0.39 2.35
CA GLY A 133 23.55 0.71 2.82
C GLY A 133 22.49 0.17 3.78
N ASN A 134 21.53 1.04 4.11
CA ASN A 134 20.53 0.60 5.12
C ASN A 134 19.64 -0.51 4.65
N ILE A 135 19.50 -0.64 3.34
CA ILE A 135 18.51 -1.54 2.77
C ILE A 135 19.19 -2.89 2.57
N LEU A 136 20.18 -2.96 1.68
CA LEU A 136 20.79 -4.28 1.41
C LEU A 136 21.65 -4.71 2.58
N GLY A 137 22.10 -3.77 3.42
CA GLY A 137 22.86 -4.07 4.65
C GLY A 137 22.01 -4.36 5.88
N HIS A 138 20.68 -4.38 5.65
N HIS A 138 20.68 -4.42 5.71
CA HIS A 138 19.63 -4.75 6.63
CA HIS A 138 19.71 -4.74 6.81
C HIS A 138 19.82 -4.02 7.98
C HIS A 138 19.92 -3.97 8.08
N LYS A 139 19.86 -2.65 7.97
CA LYS A 139 20.11 -1.83 9.15
C LYS A 139 18.81 -1.17 9.64
N LEU A 140 17.67 -1.59 9.06
CA LEU A 140 16.37 -0.93 9.47
C LEU A 140 15.81 -1.72 10.61
N GLU A 141 15.21 -1.04 11.60
CA GLU A 141 14.50 -1.76 12.66
C GLU A 141 13.21 -2.38 12.15
N TYR A 142 12.73 -3.39 12.87
CA TYR A 142 11.52 -4.07 12.43
C TYR A 142 10.36 -3.41 13.14
N ASN A 143 9.99 -2.26 12.57
CA ASN A 143 8.88 -1.46 13.07
C ASN A 143 8.44 -0.47 11.96
N TYR A 144 7.41 0.33 12.27
CA TYR A 144 6.83 1.21 11.30
C TYR A 144 6.17 2.38 11.97
N ASN A 145 6.26 3.52 11.29
CA ASN A 145 5.73 4.80 11.76
C ASN A 145 4.37 5.07 11.16
N SER A 146 3.74 6.10 11.66
CA SER A 146 2.48 6.57 11.06
C SER A 146 2.80 7.66 10.08
N HIS A 147 2.00 7.65 8.96
CA HIS A 147 2.27 8.62 7.94
C HIS A 147 0.99 9.21 7.38
N ASN A 148 1.14 10.34 6.74
CA ASN A 148 0.04 10.93 5.96
C ASN A 148 0.33 10.72 4.49
N VAL A 149 -0.69 10.14 3.81
CA VAL A 149 -0.61 9.83 2.36
C VAL A 149 -1.48 10.89 1.64
N TYR A 150 -0.83 11.73 0.86
CA TYR A 150 -1.55 12.93 0.31
C TYR A 150 -2.08 12.55 -1.06
N ILE A 151 -3.35 12.87 -1.30
CA ILE A 151 -4.02 12.43 -2.50
C ILE A 151 -4.58 13.63 -3.22
N MET A 152 -4.41 13.65 -4.53
CA MET A 152 -5.09 14.71 -5.38
C MET A 152 -5.57 14.05 -6.64
N ALA A 153 -6.57 14.68 -7.30
CA ALA A 153 -7.09 14.12 -8.54
C ALA A 153 -6.14 14.46 -9.67
N ASP A 154 -6.09 13.57 -10.68
CA ASP A 154 -5.41 13.84 -11.92
C ASP A 154 -6.55 13.69 -12.95
N LYS A 155 -7.27 14.78 -13.15
CA LYS A 155 -8.53 14.66 -13.94
C LYS A 155 -8.22 14.31 -15.38
N GLN A 156 -7.05 14.75 -15.83
CA GLN A 156 -6.61 14.46 -17.18
C GLN A 156 -6.47 12.95 -17.43
N LYS A 157 -6.02 12.22 -16.40
CA LYS A 157 -5.79 10.78 -16.51
C LYS A 157 -6.90 9.94 -15.90
N ASN A 158 -7.98 10.59 -15.44
CA ASN A 158 -9.07 9.96 -14.77
C ASN A 158 -8.62 9.14 -13.54
N GLY A 159 -7.61 9.65 -12.85
CA GLY A 159 -7.15 8.88 -11.67
C GLY A 159 -6.68 9.83 -10.62
N ILE A 160 -5.73 9.37 -9.84
CA ILE A 160 -5.17 10.20 -8.72
C ILE A 160 -3.66 10.17 -8.74
N LYS A 161 -3.06 11.23 -8.19
CA LYS A 161 -1.63 11.33 -7.86
C LYS A 161 -1.51 11.39 -6.36
N VAL A 162 -0.52 10.64 -5.87
CA VAL A 162 -0.43 10.39 -4.44
C VAL A 162 1.03 10.57 -4.09
N ASN A 163 1.35 11.17 -2.94
N ASN A 163 1.30 11.22 -2.94
CA ASN A 163 2.75 11.21 -2.59
CA ASN A 163 2.68 11.48 -2.51
C ASN A 163 2.80 11.23 -1.10
C ASN A 163 2.83 11.37 -1.02
N PHE A 164 3.93 10.78 -0.57
CA PHE A 164 4.18 10.82 0.88
C PHE A 164 5.62 10.42 1.13
N LYS A 165 6.08 10.61 2.38
CA LYS A 165 7.48 10.31 2.74
C LYS A 165 7.53 9.39 3.92
N ILE A 166 8.06 8.18 3.69
CA ILE A 166 8.04 7.19 4.76
C ILE A 166 9.32 7.37 5.56
N ARG A 167 9.22 7.25 6.85
CA ARG A 167 10.38 7.31 7.77
C ARG A 167 10.64 5.90 8.26
N HIS A 168 11.83 5.32 7.96
CA HIS A 168 12.20 4.03 8.50
C HIS A 168 13.23 4.18 9.61
N ASN A 169 12.92 3.75 10.83
CA ASN A 169 13.82 3.92 11.95
C ASN A 169 14.99 3.01 11.89
N ILE A 170 16.13 3.55 12.26
CA ILE A 170 17.40 2.77 12.33
C ILE A 170 17.86 2.70 13.80
N GLU A 171 18.54 1.57 14.10
CA GLU A 171 19.08 1.13 15.37
C GLU A 171 19.87 2.20 16.12
N ASP A 172 20.61 3.01 15.36
CA ASP A 172 21.43 4.08 15.95
C ASP A 172 20.70 5.40 16.23
N GLY A 173 19.39 5.45 15.94
CA GLY A 173 18.62 6.66 16.22
C GLY A 173 18.37 7.50 14.96
N SER A 174 19.07 7.19 13.88
CA SER A 174 18.84 7.90 12.61
C SER A 174 17.59 7.36 11.89
N VAL A 175 17.29 7.95 10.74
CA VAL A 175 16.04 7.52 9.99
C VAL A 175 16.46 7.45 8.57
N GLN A 176 15.92 6.44 7.86
CA GLN A 176 16.11 6.30 6.42
C GLN A 176 14.82 6.81 5.78
N LEU A 177 14.90 7.85 4.96
CA LEU A 177 13.67 8.42 4.40
C LEU A 177 13.40 7.73 3.06
N ALA A 178 12.12 7.55 2.70
CA ALA A 178 11.79 6.94 1.40
C ALA A 178 10.64 7.75 0.80
N ASP A 179 10.92 8.52 -0.28
CA ASP A 179 9.95 9.35 -0.90
C ASP A 179 9.16 8.63 -1.92
N HIS A 180 7.84 8.66 -1.79
CA HIS A 180 6.96 7.86 -2.61
C HIS A 180 6.20 8.77 -3.56
N TYR A 181 6.31 8.44 -4.85
CA TYR A 181 5.56 9.15 -5.89
C TYR A 181 4.65 8.15 -6.55
N GLN A 182 3.35 8.35 -6.51
CA GLN A 182 2.40 7.32 -6.88
C GLN A 182 1.32 7.87 -7.82
N GLN A 183 0.84 7.02 -8.72
CA GLN A 183 -0.36 7.34 -9.44
C GLN A 183 -1.21 6.10 -9.59
N ASN A 184 -2.50 6.33 -9.62
CA ASN A 184 -3.46 5.24 -9.75
C ASN A 184 -4.44 5.57 -10.86
N THR A 185 -4.74 4.54 -11.63
N THR A 185 -4.73 4.61 -11.72
CA THR A 185 -5.64 4.70 -12.76
CA THR A 185 -5.67 4.86 -12.84
C THR A 185 -6.61 3.52 -12.78
C THR A 185 -6.51 3.59 -12.98
N PRO A 186 -7.86 3.75 -13.19
CA PRO A 186 -8.83 2.65 -13.24
C PRO A 186 -8.58 1.67 -14.39
N ILE A 187 -8.87 0.42 -14.11
CA ILE A 187 -8.78 -0.65 -15.11
C ILE A 187 -10.02 -0.62 -16.00
N GLY A 188 -11.18 -0.36 -15.41
CA GLY A 188 -12.41 -0.45 -16.15
C GLY A 188 -12.89 0.89 -16.71
N ASP A 189 -14.09 0.82 -17.29
CA ASP A 189 -14.69 1.86 -18.11
C ASP A 189 -15.62 2.75 -17.34
N GLY A 190 -16.13 2.23 -16.24
CA GLY A 190 -17.20 2.92 -15.48
C GLY A 190 -16.70 4.19 -14.82
N PRO A 191 -17.62 5.10 -14.43
CA PRO A 191 -17.13 6.32 -13.81
C PRO A 191 -16.47 6.01 -12.49
N VAL A 192 -15.42 6.76 -12.22
CA VAL A 192 -14.76 6.65 -10.90
C VAL A 192 -14.89 7.99 -10.19
N LEU A 193 -14.76 7.98 -8.87
CA LEU A 193 -14.79 9.21 -8.09
C LEU A 193 -13.42 9.86 -8.13
N LEU A 194 -13.39 11.13 -8.55
CA LEU A 194 -12.17 11.87 -8.55
C LEU A 194 -12.19 12.81 -7.37
N PRO A 195 -11.22 12.69 -6.42
CA PRO A 195 -11.37 13.42 -5.14
C PRO A 195 -10.82 14.83 -5.09
N ASP A 196 -11.33 15.58 -4.13
CA ASP A 196 -10.66 16.81 -3.71
C ASP A 196 -9.40 16.38 -2.96
N ASN A 197 -8.47 17.32 -2.81
CA ASN A 197 -7.23 17.09 -2.04
C ASN A 197 -7.58 16.62 -0.63
N HIS A 198 -6.99 15.50 -0.24
CA HIS A 198 -7.17 14.99 1.11
C HIS A 198 -5.96 14.07 1.46
N TYR A 199 -5.98 13.50 2.66
CA TYR A 199 -4.89 12.53 3.00
C TYR A 199 -5.48 11.32 3.75
N LEU A 200 -4.71 10.24 3.74
CA LEU A 200 -5.00 9.11 4.61
C LEU A 200 -4.02 9.18 5.77
N SER A 201 -4.56 8.95 6.96
CA SER A 201 -3.70 8.79 8.14
C SER A 201 -3.49 7.28 8.35
N THR A 202 -2.24 6.85 8.25
CA THR A 202 -1.93 5.40 8.13
C THR A 202 -1.13 4.95 9.32
N GLN A 203 -1.48 3.85 9.96
CA GLN A 203 -0.72 3.32 11.07
C GLN A 203 -0.43 1.84 10.70
N SER A 204 0.77 1.31 11.03
CA SER A 204 1.06 -0.09 10.66
C SER A 204 1.86 -0.66 11.76
N ALA A 205 1.62 -1.91 12.13
CA ALA A 205 2.37 -2.55 13.25
C ALA A 205 2.86 -3.86 12.74
N LEU A 206 4.13 -4.15 12.96
CA LEU A 206 4.73 -5.36 12.37
C LEU A 206 5.02 -6.38 13.48
N SER A 207 4.74 -7.64 13.21
CA SER A 207 5.00 -8.71 14.17
C SER A 207 5.38 -9.95 13.44
N LYS A 208 5.44 -11.06 14.16
CA LYS A 208 5.86 -12.31 13.57
C LYS A 208 4.91 -13.42 14.05
N ASP A 209 4.82 -14.50 13.26
CA ASP A 209 3.99 -15.70 13.55
C ASP A 209 4.98 -16.62 14.27
N PRO A 210 4.65 -17.01 15.53
CA PRO A 210 5.70 -17.65 16.33
C PRO A 210 5.96 -19.05 15.79
N ASN A 211 5.05 -19.59 15.00
CA ASN A 211 5.25 -20.94 14.44
C ASN A 211 5.69 -20.97 12.98
N GLU A 212 6.18 -19.84 12.49
CA GLU A 212 6.56 -19.74 11.08
C GLU A 212 8.07 -19.70 10.95
N LYS A 213 8.64 -20.73 10.28
CA LYS A 213 10.10 -20.78 10.08
C LYS A 213 10.57 -20.01 8.91
N ARG A 214 9.68 -19.73 7.95
CA ARG A 214 10.09 -19.02 6.68
C ARG A 214 10.22 -17.51 7.03
N ASP A 215 10.94 -16.81 6.20
CA ASP A 215 11.09 -15.38 6.38
C ASP A 215 9.71 -14.74 6.05
N HIS A 216 9.20 -13.95 7.01
CA HIS A 216 7.78 -13.56 6.91
C HIS A 216 7.56 -12.27 7.69
N MET A 217 6.35 -11.71 7.47
CA MET A 217 5.96 -10.50 8.27
C MET A 217 4.49 -10.58 8.51
N VAL A 218 4.08 -10.35 9.76
CA VAL A 218 2.64 -10.20 10.07
C VAL A 218 2.43 -8.72 10.24
N LEU A 219 1.36 -8.23 9.57
CA LEU A 219 1.12 -6.77 9.54
C LEU A 219 -0.28 -6.46 9.94
N LEU A 220 -0.44 -5.43 10.77
CA LEU A 220 -1.75 -4.91 11.17
C LEU A 220 -1.75 -3.46 10.72
N GLU A 221 -2.79 -3.02 10.03
CA GLU A 221 -2.80 -1.62 9.57
C GLU A 221 -4.15 -1.02 9.90
N PHE A 222 -4.14 0.29 10.22
CA PHE A 222 -5.39 1.08 10.37
C PHE A 222 -5.20 2.33 9.55
N VAL A 223 -6.19 2.59 8.69
CA VAL A 223 -6.05 3.73 7.76
C VAL A 223 -7.36 4.49 7.72
N THR A 224 -7.30 5.78 8.00
CA THR A 224 -8.55 6.58 7.98
C THR A 224 -8.30 7.82 7.14
N ALA A 225 -9.26 8.20 6.26
CA ALA A 225 -9.10 9.42 5.47
C ALA A 225 -9.48 10.66 6.26
N ALA A 226 -8.85 11.77 5.93
CA ALA A 226 -9.11 13.08 6.58
C ALA A 226 -8.75 14.27 5.70
N GLY A 227 -8.97 15.50 6.20
CA GLY A 227 -8.40 16.67 5.53
C GLY A 227 -9.30 17.35 4.51
N ILE A 228 -10.53 16.86 4.35
CA ILE A 228 -11.46 17.56 3.44
C ILE A 228 -12.19 18.46 4.35
N THR A 229 -11.59 19.66 4.25
CA THR A 229 -11.91 20.98 4.78
C THR A 229 -13.07 20.90 5.77
N HIS A 230 -14.21 20.78 5.11
CA HIS A 230 -15.45 20.21 5.53
C HIS A 230 -16.29 20.77 4.37
N GLY A 231 -15.62 20.87 3.20
CA GLY A 231 -16.23 21.18 1.89
C GLY A 231 -17.11 19.96 1.76
N MET A 232 -18.37 20.16 1.39
CA MET A 232 -19.48 19.17 1.50
C MET A 232 -19.88 18.97 2.96
N ASP A 233 -19.87 20.11 3.67
CA ASP A 233 -20.44 20.37 5.01
C ASP A 233 -21.61 19.42 5.38
N GLU A 234 -22.59 19.44 4.47
CA GLU A 234 -23.81 18.72 4.52
C GLU A 234 -23.89 18.25 3.07
N LEU A 235 -23.69 16.96 2.83
CA LEU A 235 -23.90 16.33 1.49
C LEU A 235 -23.79 14.82 1.61
C2 AE4 B . -21.43 -8.70 1.67
C3 AE4 B . -21.04 -9.94 0.86
O4 AE4 B . -19.63 -10.29 0.90
C5 AE4 B . -18.87 -9.18 0.46
C6 AE4 B . -19.20 -8.71 -0.96
O7 AE4 B . -17.97 -8.51 -1.62
C8 AE4 B . -16.92 -9.27 -1.04
C9 AE4 B . -17.10 -10.78 -1.20
C11 AE4 B . -16.78 -12.43 0.64
O10 AE4 B . -16.34 -11.36 -0.18
C12 AE4 B . -17.75 -13.55 0.24
O13 AE4 B . -18.94 -13.17 0.97
C14 AE4 B . -20.01 -14.14 0.87
C15 AE4 B . -21.35 -13.48 1.22
O16 AE4 B . -21.36 -13.18 2.63
C17 AE4 B . -22.34 -12.25 3.08
C18 AE4 B . -22.57 -12.52 4.56
O19 AE4 B . -21.48 -12.02 5.31
C2 AE4 C . 8.97 0.64 -15.02
C3 AE4 C . 8.23 0.37 -13.73
O4 AE4 C . 7.80 -0.99 -13.71
C5 AE4 C . 7.98 -1.64 -12.46
C6 AE4 C . 8.39 -3.09 -12.62
O7 AE4 C . 8.24 -3.50 -13.98
C8 AE4 C . 7.22 -4.49 -14.29
C9 AE4 C . 5.76 -4.04 -14.61
C11 AE4 C . 3.42 -5.14 -14.63
O10 AE4 C . 4.88 -5.21 -14.81
C12 AE4 C . 2.83 -5.41 -13.19
O13 AE4 C . 1.43 -5.79 -13.04
C14 AE4 C . 1.04 -7.03 -12.34
C15 AE4 C . 1.59 -8.35 -12.97
O16 AE4 C . 1.47 -9.55 -12.15
C17 AE4 C . 2.66 -10.10 -11.50
C18 AE4 C . 2.53 -9.97 -9.97
O19 AE4 C . 3.12 -10.99 -9.11
#